data_4LDZ
#
_entry.id   4LDZ
#
_cell.length_a   45.612
_cell.length_b   77.646
_cell.length_c   139.751
_cell.angle_alpha   90.000
_cell.angle_beta   90.000
_cell.angle_gamma   90.000
#
_symmetry.space_group_name_H-M   'P 21 21 21'
#
loop_
_entity.id
_entity.type
_entity.pdbx_description
1 polymer 'Transcriptional regulatory protein DesR'
2 non-polymer 'MAGNESIUM ION'
3 non-polymer 'BERYLLIUM TRIFLUORIDE ION'
4 non-polymer GLYCEROL
5 non-polymer 'SODIUM ION'
6 water water
#
_entity_poly.entity_id   1
_entity_poly.type   'polypeptide(L)'
_entity_poly.pdbx_seq_one_letter_code
;GSGSMISIFIAEDQQMLLGALGSLLNLEDDMEVVGKGTTGQDAVDFVKKRQPDVCIMDIEMPGKTGLEAAEELKDTGCKI
IILTTFARPGYFQRAIKAGVKGYLLKDSPSEELANAIRSVMNGKRIYAPELMEDLYSEANPLTDREKEVLELVADGKNTK
EIAQELSIKSGTVRNYISMILEKLEVKNRIEAITRSKEKGWFK
;
_entity_poly.pdbx_strand_id   A,B
#
loop_
_chem_comp.id
_chem_comp.type
_chem_comp.name
_chem_comp.formula
BEF non-polymer 'BERYLLIUM TRIFLUORIDE ION' 'Be F3 -1'
GOL non-polymer GLYCEROL 'C3 H8 O3'
MG non-polymer 'MAGNESIUM ION' 'Mg 2'
NA non-polymer 'SODIUM ION' 'Na 1'
#
# COMPACT_ATOMS: atom_id res chain seq x y z
N GLY A 3 18.47 19.53 14.29
CA GLY A 3 19.78 20.04 13.87
C GLY A 3 20.59 18.95 13.18
N SER A 4 21.30 18.13 13.99
CA SER A 4 22.09 16.97 13.51
C SER A 4 21.20 15.76 13.23
N MET A 5 19.95 15.82 13.69
CA MET A 5 18.96 14.76 13.47
C MET A 5 18.52 14.70 12.04
N ILE A 6 18.23 13.49 11.58
CA ILE A 6 17.73 13.24 10.24
C ILE A 6 16.23 13.53 10.33
N SER A 7 15.77 14.57 9.61
CA SER A 7 14.36 14.95 9.58
C SER A 7 13.65 14.12 8.52
N ILE A 8 12.53 13.50 8.88
CA ILE A 8 11.81 12.59 8.00
C ILE A 8 10.34 13.00 7.81
N PHE A 9 9.85 12.87 6.58
CA PHE A 9 8.43 13.01 6.27
C PHE A 9 7.96 11.64 5.76
N ILE A 10 6.79 11.18 6.22
CA ILE A 10 6.26 9.90 5.77
C ILE A 10 4.95 10.12 5.02
N ALA A 11 4.89 9.64 3.75
CA ALA A 11 3.68 9.70 2.90
C ALA A 11 3.20 8.24 2.74
N GLU A 12 2.04 7.92 3.37
CA GLU A 12 1.46 6.58 3.40
C GLU A 12 -0.06 6.69 3.55
N ASP A 13 -0.83 6.15 2.59
CA ASP A 13 -2.29 6.27 2.64
C ASP A 13 -2.96 5.38 3.67
N GLN A 14 -2.30 4.31 4.11
CA GLN A 14 -2.87 3.39 5.10
C GLN A 14 -2.53 3.97 6.49
N GLN A 15 -3.51 4.60 7.13
CA GLN A 15 -3.38 5.29 8.42
C GLN A 15 -2.74 4.48 9.56
N MET A 16 -3.01 3.18 9.60
CA MET A 16 -2.42 2.27 10.59
C MET A 16 -0.89 2.20 10.38
N LEU A 17 -0.43 1.95 9.14
CA LEU A 17 1.00 1.88 8.88
C LEU A 17 1.69 3.21 9.04
N LEU A 18 1.07 4.30 8.53
CA LEU A 18 1.58 5.66 8.68
C LEU A 18 1.93 5.97 10.12
N GLY A 19 0.97 5.74 11.02
CA GLY A 19 1.11 6.00 12.44
C GLY A 19 2.14 5.14 13.13
N ALA A 20 2.19 3.85 12.78
CA ALA A 20 3.14 2.90 13.34
C ALA A 20 4.58 3.16 12.85
N LEU A 21 4.76 3.57 11.57
CA LEU A 21 6.06 3.98 11.02
C LEU A 21 6.55 5.25 11.70
N GLY A 22 5.67 6.23 11.89
CA GLY A 22 6.01 7.49 12.54
C GLY A 22 6.56 7.30 13.94
N SER A 23 5.89 6.45 14.74
CA SER A 23 6.28 6.12 16.10
C SER A 23 7.62 5.38 16.12
N LEU A 24 7.77 4.38 15.25
CA LEU A 24 8.96 3.55 15.13
C LEU A 24 10.19 4.41 14.86
N LEU A 25 10.10 5.29 13.85
CA LEU A 25 11.18 6.17 13.41
C LEU A 25 11.54 7.25 14.39
N ASN A 26 10.54 7.83 15.04
CA ASN A 26 10.72 8.85 16.06
C ASN A 26 11.44 8.34 17.28
N LEU A 27 11.32 7.04 17.59
CA LEU A 27 12.00 6.46 18.74
C LEU A 27 13.54 6.45 18.59
N GLU A 28 14.05 6.53 17.35
CA GLU A 28 15.49 6.61 17.04
C GLU A 28 16.04 7.96 17.54
N ASP A 29 17.21 7.92 18.18
CA ASP A 29 17.86 9.09 18.76
C ASP A 29 18.34 10.11 17.74
N ASP A 30 18.72 9.64 16.55
CA ASP A 30 19.27 10.49 15.48
C ASP A 30 18.22 10.85 14.44
N MET A 31 16.95 10.54 14.73
CA MET A 31 15.86 10.74 13.78
C MET A 31 14.64 11.44 14.37
N GLU A 32 13.99 12.23 13.53
CA GLU A 32 12.79 12.95 13.90
C GLU A 32 11.80 12.95 12.75
N VAL A 33 10.57 12.48 13.01
CA VAL A 33 9.49 12.51 12.03
C VAL A 33 8.86 13.87 12.21
N VAL A 34 9.18 14.75 11.27
CA VAL A 34 8.74 16.13 11.25
C VAL A 34 7.36 16.35 10.63
N GLY A 35 6.84 15.34 9.93
CA GLY A 35 5.54 15.43 9.28
C GLY A 35 5.06 14.10 8.73
N LYS A 36 3.74 13.95 8.55
CA LYS A 36 3.07 12.75 8.01
C LYS A 36 1.98 13.16 7.03
N GLY A 37 1.79 12.34 6.01
CA GLY A 37 0.81 12.60 4.96
C GLY A 37 0.22 11.35 4.36
N THR A 38 -0.92 11.49 3.68
CA THR A 38 -1.62 10.34 3.11
C THR A 38 -1.69 10.32 1.59
N THR A 39 -1.21 11.39 0.94
CA THR A 39 -1.21 11.53 -0.53
C THR A 39 0.15 12.04 -1.01
N GLY A 40 0.39 11.94 -2.32
CA GLY A 40 1.61 12.44 -2.95
C GLY A 40 1.69 13.95 -2.90
N GLN A 41 0.52 14.64 -2.91
CA GLN A 41 0.47 16.09 -2.83
C GLN A 41 0.95 16.58 -1.47
N ASP A 42 0.60 15.83 -0.39
CA ASP A 42 1.06 16.12 0.98
C ASP A 42 2.62 16.11 1.02
N ALA A 43 3.25 15.14 0.31
CA ALA A 43 4.71 15.02 0.20
C ALA A 43 5.29 16.20 -0.57
N VAL A 44 4.70 16.54 -1.74
CA VAL A 44 5.17 17.66 -2.55
C VAL A 44 5.10 18.98 -1.76
N ASP A 45 3.96 19.24 -1.12
CA ASP A 45 3.75 20.45 -0.31
C ASP A 45 4.72 20.52 0.86
N PHE A 46 4.81 19.45 1.66
CA PHE A 46 5.70 19.46 2.82
C PHE A 46 7.15 19.65 2.43
N VAL A 47 7.64 18.79 1.53
CA VAL A 47 9.03 18.77 1.07
C VAL A 47 9.46 20.09 0.47
N LYS A 48 8.59 20.75 -0.31
CA LYS A 48 8.89 22.05 -0.91
C LYS A 48 8.96 23.16 0.14
N LYS A 49 8.10 23.11 1.17
CA LYS A 49 7.99 24.12 2.22
C LYS A 49 9.01 23.97 3.36
N ARG A 50 9.21 22.73 3.84
CA ARG A 50 10.04 22.41 5.01
C ARG A 50 11.39 21.81 4.74
N GLN A 51 11.57 21.26 3.53
CA GLN A 51 12.80 20.62 3.07
C GLN A 51 13.37 19.60 4.06
N PRO A 52 12.64 18.51 4.40
CA PRO A 52 13.23 17.50 5.29
C PRO A 52 14.37 16.78 4.60
N ASP A 53 15.23 16.10 5.36
CA ASP A 53 16.34 15.34 4.78
C ASP A 53 15.85 14.15 3.99
N VAL A 54 14.87 13.43 4.55
CA VAL A 54 14.36 12.17 4.00
C VAL A 54 12.84 12.16 3.87
N CYS A 55 12.36 11.54 2.79
CA CYS A 55 10.94 11.33 2.58
C CYS A 55 10.70 9.85 2.33
N ILE A 56 9.98 9.18 3.27
CA ILE A 56 9.58 7.78 3.14
C ILE A 56 8.27 7.86 2.35
N MET A 57 8.26 7.28 1.17
CA MET A 57 7.20 7.45 0.22
C MET A 57 6.51 6.17 -0.25
N ASP A 58 5.19 6.05 -0.01
CA ASP A 58 4.38 4.94 -0.51
C ASP A 58 4.13 5.25 -2.00
N ILE A 59 3.88 4.24 -2.86
CA ILE A 59 3.56 4.52 -4.27
C ILE A 59 2.07 4.80 -4.40
N GLU A 60 1.23 3.78 -4.19
CA GLU A 60 -0.21 3.90 -4.33
C GLU A 60 -0.89 4.66 -3.20
N MET A 61 -1.31 5.87 -3.54
CA MET A 61 -1.98 6.80 -2.64
C MET A 61 -2.98 7.56 -3.49
N PRO A 62 -4.11 8.05 -2.92
CA PRO A 62 -5.05 8.83 -3.73
C PRO A 62 -4.55 10.21 -4.11
N GLY A 63 -5.10 10.76 -5.21
CA GLY A 63 -4.77 12.09 -5.70
C GLY A 63 -3.51 12.20 -6.54
N LYS A 64 -2.38 11.79 -5.97
CA LYS A 64 -1.07 11.83 -6.60
C LYS A 64 -0.27 10.69 -5.98
N THR A 65 0.32 9.86 -6.81
CA THR A 65 1.11 8.70 -6.36
C THR A 65 2.45 9.17 -5.78
N GLY A 66 3.18 8.27 -5.16
CA GLY A 66 4.50 8.53 -4.64
C GLY A 66 5.50 8.69 -5.77
N LEU A 67 5.20 8.12 -6.95
CA LEU A 67 6.07 8.21 -8.11
C LEU A 67 5.94 9.57 -8.80
N GLU A 68 4.71 10.12 -8.89
CA GLU A 68 4.49 11.45 -9.45
C GLU A 68 5.11 12.47 -8.49
N ALA A 69 4.95 12.25 -7.14
CA ALA A 69 5.54 13.10 -6.11
C ALA A 69 7.08 13.09 -6.20
N ALA A 70 7.68 11.88 -6.37
CA ALA A 70 9.14 11.72 -6.56
C ALA A 70 9.63 12.46 -7.80
N GLU A 71 8.84 12.48 -8.88
CA GLU A 71 9.17 13.19 -10.13
C GLU A 71 9.17 14.71 -9.92
N GLU A 72 8.18 15.25 -9.17
CA GLU A 72 8.09 16.68 -8.86
C GLU A 72 9.22 17.16 -7.94
N LEU A 73 9.70 16.28 -7.06
CA LEU A 73 10.71 16.57 -6.06
C LEU A 73 12.11 16.08 -6.49
N LYS A 74 12.28 15.69 -7.79
CA LYS A 74 13.53 15.14 -8.35
C LYS A 74 14.79 15.91 -7.98
N ASP A 75 14.76 17.25 -8.06
CA ASP A 75 15.97 18.03 -7.78
C ASP A 75 16.01 18.81 -6.44
N THR A 76 15.03 18.59 -5.51
CA THR A 76 14.91 19.28 -4.20
C THR A 76 16.03 19.05 -3.17
N GLY A 77 16.81 18.00 -3.37
CA GLY A 77 17.83 17.64 -2.39
C GLY A 77 17.30 16.67 -1.36
N CYS A 78 15.95 16.46 -1.35
CA CYS A 78 15.31 15.49 -0.44
C CYS A 78 15.58 14.09 -0.93
N LYS A 79 16.05 13.23 -0.03
CA LYS A 79 16.38 11.84 -0.34
C LYS A 79 15.12 10.98 -0.22
N ILE A 80 14.57 10.61 -1.37
CA ILE A 80 13.34 9.83 -1.45
C ILE A 80 13.61 8.36 -1.37
N ILE A 81 12.95 7.74 -0.36
CA ILE A 81 12.97 6.31 -0.15
C ILE A 81 11.56 5.81 -0.42
N ILE A 82 11.37 5.07 -1.51
CA ILE A 82 10.09 4.43 -1.81
C ILE A 82 9.92 3.24 -0.82
N LEU A 83 8.75 3.12 -0.19
CA LEU A 83 8.41 1.99 0.71
C LEU A 83 7.06 1.50 0.23
N THR A 84 7.02 0.37 -0.46
CA THR A 84 5.78 -0.07 -1.12
C THR A 84 5.50 -1.56 -0.98
N THR A 85 4.26 -1.99 -1.23
CA THR A 85 3.86 -3.39 -1.26
C THR A 85 4.31 -4.01 -2.60
N PHE A 86 4.33 -3.20 -3.66
CA PHE A 86 4.54 -3.54 -5.07
C PHE A 86 5.92 -3.63 -5.64
N ALA A 87 6.27 -4.85 -6.04
CA ALA A 87 7.54 -5.16 -6.69
C ALA A 87 7.25 -5.33 -8.18
N ARG A 88 6.72 -4.28 -8.80
CA ARG A 88 6.36 -4.23 -10.21
C ARG A 88 7.51 -3.60 -11.02
N PRO A 89 7.89 -4.18 -12.17
CA PRO A 89 8.98 -3.58 -12.95
C PRO A 89 8.77 -2.13 -13.39
N GLY A 90 7.54 -1.78 -13.79
CA GLY A 90 7.16 -0.42 -14.21
C GLY A 90 7.33 0.59 -13.09
N TYR A 91 6.97 0.19 -11.85
CA TYR A 91 7.13 1.02 -10.66
C TYR A 91 8.64 1.24 -10.37
N PHE A 92 9.44 0.15 -10.32
CA PHE A 92 10.88 0.22 -10.07
C PHE A 92 11.61 1.03 -11.14
N GLN A 93 11.29 0.82 -12.43
CA GLN A 93 11.85 1.55 -13.57
C GLN A 93 11.54 3.07 -13.42
N ARG A 94 10.28 3.42 -13.13
CA ARG A 94 9.82 4.78 -12.95
C ARG A 94 10.49 5.46 -11.75
N ALA A 95 10.77 4.70 -10.68
CA ALA A 95 11.45 5.19 -9.47
C ALA A 95 12.91 5.51 -9.73
N ILE A 96 13.59 4.68 -10.51
CA ILE A 96 14.99 4.86 -10.91
C ILE A 96 15.11 6.16 -11.73
N LYS A 97 14.19 6.39 -12.68
CA LYS A 97 14.16 7.57 -13.55
C LYS A 97 13.96 8.87 -12.75
N ALA A 98 13.19 8.79 -11.65
CA ALA A 98 12.93 9.92 -10.72
C ALA A 98 14.13 10.15 -9.78
N GLY A 99 15.10 9.23 -9.78
CA GLY A 99 16.30 9.31 -8.95
C GLY A 99 16.07 9.07 -7.48
N VAL A 100 15.19 8.12 -7.14
CA VAL A 100 14.96 7.79 -5.74
C VAL A 100 16.28 7.25 -5.21
N LYS A 101 16.53 7.52 -3.92
CA LYS A 101 17.75 7.06 -3.26
C LYS A 101 17.53 5.62 -2.73
N GLY A 102 16.27 5.27 -2.52
CA GLY A 102 15.93 3.98 -1.97
C GLY A 102 14.61 3.44 -2.47
N TYR A 103 14.56 2.11 -2.55
CA TYR A 103 13.37 1.40 -2.99
C TYR A 103 13.28 0.16 -2.19
N LEU A 104 12.37 0.21 -1.24
CA LEU A 104 12.14 -0.85 -0.27
C LEU A 104 10.77 -1.43 -0.39
N LEU A 105 10.68 -2.69 0.02
CA LEU A 105 9.45 -3.45 0.02
C LEU A 105 8.91 -3.61 1.44
N LYS A 106 7.57 -3.59 1.58
CA LYS A 106 6.86 -3.72 2.84
C LYS A 106 6.97 -5.13 3.44
N ASP A 107 7.52 -6.07 2.67
CA ASP A 107 7.75 -7.38 3.18
C ASP A 107 9.21 -7.56 3.56
N SER A 108 9.77 -6.56 4.25
CA SER A 108 11.13 -6.55 4.78
C SER A 108 11.07 -6.19 6.28
N PRO A 109 12.06 -6.58 7.13
CA PRO A 109 11.93 -6.28 8.56
C PRO A 109 11.82 -4.80 8.86
N SER A 110 10.88 -4.42 9.72
CA SER A 110 10.71 -3.05 10.16
C SER A 110 12.02 -2.52 10.82
N GLU A 111 12.65 -3.38 11.64
CA GLU A 111 13.88 -3.11 12.38
C GLU A 111 15.06 -2.74 11.47
N GLU A 112 14.88 -2.79 10.14
CA GLU A 112 15.94 -2.44 9.21
C GLU A 112 15.73 -1.08 8.57
N LEU A 113 14.47 -0.54 8.54
CA LEU A 113 14.13 0.74 7.92
C LEU A 113 15.02 1.91 8.36
N ALA A 114 15.29 2.01 9.67
CA ALA A 114 16.11 3.07 10.20
C ALA A 114 17.55 2.97 9.62
N ASN A 115 18.07 1.74 9.46
CA ASN A 115 19.37 1.46 8.85
C ASN A 115 19.42 1.85 7.38
N ALA A 116 18.30 1.69 6.64
CA ALA A 116 18.21 2.09 5.24
C ALA A 116 18.27 3.63 5.14
N ILE A 117 17.63 4.33 6.09
CA ILE A 117 17.61 5.80 6.14
C ILE A 117 19.03 6.31 6.38
N ARG A 118 19.78 5.67 7.28
CA ARG A 118 21.16 6.07 7.62
C ARG A 118 22.09 5.86 6.44
N SER A 119 21.92 4.75 5.71
CA SER A 119 22.74 4.43 4.53
C SER A 119 22.51 5.46 3.39
N VAL A 120 21.26 5.81 3.13
CA VAL A 120 20.82 6.81 2.14
C VAL A 120 21.40 8.19 2.54
N MET A 121 21.38 8.52 3.86
CA MET A 121 22.00 9.77 4.32
C MET A 121 23.53 9.75 4.13
N ASN A 122 24.13 8.55 4.10
CA ASN A 122 25.56 8.37 3.84
C ASN A 122 25.91 8.32 2.35
N GLY A 123 24.93 8.54 1.48
CA GLY A 123 25.10 8.61 0.02
C GLY A 123 24.92 7.33 -0.74
N LYS A 124 24.46 6.26 -0.08
CA LYS A 124 24.26 4.95 -0.68
C LYS A 124 22.92 4.86 -1.40
N ARG A 125 22.84 4.01 -2.41
CA ARG A 125 21.59 3.76 -3.14
C ARG A 125 21.10 2.37 -2.69
N ILE A 126 19.96 2.31 -1.98
CA ILE A 126 19.42 1.10 -1.34
C ILE A 126 18.20 0.51 -2.01
N TYR A 127 18.39 -0.65 -2.68
CA TYR A 127 17.30 -1.39 -3.30
C TYR A 127 17.15 -2.76 -2.63
N ALA A 128 15.88 -3.16 -2.43
CA ALA A 128 15.54 -4.48 -1.89
C ALA A 128 16.21 -5.53 -2.83
N PRO A 129 17.05 -6.45 -2.26
CA PRO A 129 17.72 -7.47 -3.09
C PRO A 129 16.77 -8.28 -3.92
N GLU A 130 15.53 -8.44 -3.43
CA GLU A 130 14.44 -9.19 -4.07
C GLU A 130 14.08 -8.63 -5.42
N LEU A 131 14.17 -7.29 -5.61
CA LEU A 131 13.87 -6.65 -6.88
C LEU A 131 14.91 -7.08 -7.90
N MET A 132 16.16 -7.07 -7.45
CA MET A 132 17.32 -7.45 -8.24
C MET A 132 17.23 -8.93 -8.57
N GLU A 133 16.98 -9.78 -7.53
CA GLU A 133 16.87 -11.25 -7.66
C GLU A 133 15.75 -11.64 -8.62
N ASP A 134 14.64 -10.88 -8.67
CA ASP A 134 13.52 -11.17 -9.57
C ASP A 134 13.57 -10.49 -10.94
N LEU A 135 13.92 -9.17 -10.99
CA LEU A 135 13.91 -8.37 -12.23
C LEU A 135 15.13 -8.46 -13.10
N TYR A 136 16.31 -8.53 -12.50
CA TYR A 136 17.52 -8.61 -13.31
C TYR A 136 17.76 -10.05 -13.80
N SER A 137 16.97 -10.43 -14.81
CA SER A 137 16.97 -11.78 -15.37
C SER A 137 16.57 -11.78 -16.83
N GLU A 138 17.03 -12.81 -17.56
CA GLU A 138 16.64 -12.99 -18.98
C GLU A 138 15.54 -14.09 -19.12
N ALA A 139 15.08 -14.65 -17.98
CA ALA A 139 14.02 -15.68 -17.92
C ALA A 139 12.64 -15.09 -18.24
N ASN A 140 11.61 -15.94 -18.42
CA ASN A 140 10.25 -15.48 -18.71
C ASN A 140 9.61 -14.90 -17.44
N PRO A 141 9.24 -13.60 -17.44
CA PRO A 141 8.67 -13.01 -16.22
C PRO A 141 7.17 -13.26 -16.06
N LEU A 142 6.51 -13.66 -17.16
CA LEU A 142 5.07 -13.89 -17.22
C LEU A 142 4.63 -15.09 -16.38
N THR A 143 3.52 -14.89 -15.63
CA THR A 143 2.90 -15.92 -14.79
C THR A 143 2.05 -16.86 -15.67
N ASP A 144 1.56 -17.98 -15.08
CA ASP A 144 0.72 -18.98 -15.78
C ASP A 144 -0.59 -18.33 -16.24
N ARG A 145 -1.14 -17.41 -15.41
CA ARG A 145 -2.36 -16.63 -15.68
C ARG A 145 -2.12 -15.63 -16.83
N GLU A 146 -0.95 -14.94 -16.82
CA GLU A 146 -0.51 -13.97 -17.83
C GLU A 146 -0.23 -14.68 -19.17
N LYS A 147 0.29 -15.94 -19.13
CA LYS A 147 0.59 -16.78 -20.29
C LYS A 147 -0.71 -17.20 -21.01
N GLU A 148 -1.80 -17.34 -20.25
CA GLU A 148 -3.15 -17.69 -20.74
C GLU A 148 -3.80 -16.49 -21.45
N VAL A 149 -3.61 -15.27 -20.89
CA VAL A 149 -4.12 -14.01 -21.46
C VAL A 149 -3.44 -13.75 -22.82
N LEU A 150 -2.08 -13.75 -22.83
CA LEU A 150 -1.25 -13.52 -24.00
C LEU A 150 -1.44 -14.54 -25.12
N GLU A 151 -1.76 -15.82 -24.77
CA GLU A 151 -2.03 -16.90 -25.72
C GLU A 151 -3.22 -16.51 -26.61
N LEU A 152 -4.27 -15.93 -26.00
CA LEU A 152 -5.48 -15.49 -26.68
C LEU A 152 -5.22 -14.24 -27.54
N VAL A 153 -4.42 -13.29 -27.03
CA VAL A 153 -4.05 -12.05 -27.71
C VAL A 153 -3.30 -12.38 -29.01
N ALA A 154 -2.32 -13.32 -28.92
CA ALA A 154 -1.49 -13.79 -30.04
C ALA A 154 -2.28 -14.54 -31.11
N ASP A 155 -3.42 -15.16 -30.73
CA ASP A 155 -4.31 -15.88 -31.64
C ASP A 155 -5.11 -14.91 -32.52
N GLY A 156 -5.34 -13.70 -32.02
CA GLY A 156 -6.06 -12.64 -32.72
C GLY A 156 -7.41 -12.28 -32.10
N LYS A 157 -7.57 -12.59 -30.80
CA LYS A 157 -8.80 -12.32 -30.04
C LYS A 157 -8.76 -10.93 -29.39
N ASN A 158 -9.90 -10.20 -29.41
CA ASN A 158 -10.04 -8.87 -28.81
C ASN A 158 -10.36 -8.95 -27.30
N THR A 159 -10.32 -7.79 -26.59
CA THR A 159 -10.59 -7.68 -25.14
C THR A 159 -11.91 -8.32 -24.68
N LYS A 160 -12.99 -8.19 -25.48
CA LYS A 160 -14.31 -8.77 -25.18
C LYS A 160 -14.28 -10.32 -25.30
N GLU A 161 -13.56 -10.84 -26.32
CA GLU A 161 -13.39 -12.27 -26.61
C GLU A 161 -12.55 -13.00 -25.53
N ILE A 162 -11.48 -12.33 -25.01
CA ILE A 162 -10.59 -12.85 -23.96
C ILE A 162 -11.31 -12.95 -22.60
N ALA A 163 -12.13 -11.92 -22.28
CA ALA A 163 -12.92 -11.84 -21.04
C ALA A 163 -13.97 -12.96 -20.97
N GLN A 164 -14.49 -13.40 -22.14
CA GLN A 164 -15.48 -14.46 -22.27
C GLN A 164 -14.81 -15.85 -22.21
N GLU A 165 -13.64 -16.02 -22.87
CA GLU A 165 -12.88 -17.28 -22.90
C GLU A 165 -12.25 -17.63 -21.54
N LEU A 166 -11.94 -16.62 -20.71
CA LEU A 166 -11.32 -16.79 -19.39
C LEU A 166 -12.31 -16.60 -18.20
N SER A 167 -13.56 -16.16 -18.50
CA SER A 167 -14.63 -15.92 -17.52
C SER A 167 -14.23 -14.91 -16.43
N ILE A 168 -13.65 -13.78 -16.85
CA ILE A 168 -13.21 -12.67 -15.97
C ILE A 168 -13.70 -11.33 -16.53
N LYS A 169 -13.63 -10.24 -15.73
CA LYS A 169 -14.06 -8.90 -16.13
C LYS A 169 -13.18 -8.30 -17.26
N SER A 170 -13.76 -7.35 -18.04
CA SER A 170 -13.07 -6.67 -19.16
C SER A 170 -11.92 -5.78 -18.70
N GLY A 171 -12.05 -5.18 -17.52
CA GLY A 171 -11.02 -4.33 -16.91
C GLY A 171 -9.84 -5.13 -16.38
N THR A 172 -10.10 -6.41 -16.01
CA THR A 172 -9.11 -7.38 -15.50
C THR A 172 -8.17 -7.79 -16.65
N VAL A 173 -8.74 -8.02 -17.86
CA VAL A 173 -8.01 -8.37 -19.09
C VAL A 173 -7.05 -7.22 -19.42
N ARG A 174 -7.55 -5.97 -19.35
CA ARG A 174 -6.78 -4.74 -19.59
C ARG A 174 -5.67 -4.56 -18.53
N ASN A 175 -5.96 -4.94 -17.26
CA ASN A 175 -5.02 -4.88 -16.13
C ASN A 175 -3.91 -5.91 -16.32
N TYR A 176 -4.27 -7.14 -16.79
CA TYR A 176 -3.33 -8.23 -17.07
C TYR A 176 -2.39 -7.84 -18.22
N ILE A 177 -2.94 -7.21 -19.29
CA ILE A 177 -2.22 -6.71 -20.47
C ILE A 177 -1.18 -5.65 -20.04
N SER A 178 -1.57 -4.75 -19.10
CA SER A 178 -0.70 -3.72 -18.54
C SER A 178 0.51 -4.31 -17.80
N MET A 179 0.30 -5.42 -17.04
CA MET A 179 1.36 -6.15 -16.31
C MET A 179 2.34 -6.77 -17.32
N ILE A 180 1.79 -7.48 -18.34
CA ILE A 180 2.54 -8.12 -19.43
C ILE A 180 3.43 -7.13 -20.18
N LEU A 181 2.85 -6.01 -20.68
CA LEU A 181 3.60 -4.97 -21.40
C LEU A 181 4.74 -4.43 -20.56
N GLU A 182 4.48 -4.14 -19.26
CA GLU A 182 5.45 -3.65 -18.27
C GLU A 182 6.59 -4.63 -18.05
N LYS A 183 6.27 -5.92 -17.80
CA LYS A 183 7.23 -7.00 -17.57
C LYS A 183 8.11 -7.24 -18.79
N LEU A 184 7.50 -7.26 -20.00
CA LEU A 184 8.23 -7.48 -21.23
C LEU A 184 9.05 -6.27 -21.64
N GLU A 185 8.57 -5.04 -21.34
CA GLU A 185 9.26 -3.78 -21.67
C GLU A 185 10.56 -3.65 -20.85
N VAL A 186 10.53 -4.10 -19.60
CA VAL A 186 11.68 -4.06 -18.71
C VAL A 186 12.66 -5.19 -19.12
N LYS A 187 12.13 -6.39 -19.44
CA LYS A 187 12.95 -7.53 -19.90
C LYS A 187 13.63 -7.19 -21.23
N ASN A 188 12.92 -6.47 -22.11
CA ASN A 188 13.41 -6.03 -23.43
C ASN A 188 14.49 -4.95 -23.30
N ARG A 189 14.29 -3.96 -22.39
CA ARG A 189 15.28 -2.91 -22.15
C ARG A 189 16.56 -3.51 -21.52
N ILE A 190 16.41 -4.46 -20.55
CA ILE A 190 17.52 -5.17 -19.88
C ILE A 190 18.37 -5.93 -20.92
N GLU A 191 17.72 -6.71 -21.79
CA GLU A 191 18.36 -7.47 -22.86
C GLU A 191 19.11 -6.56 -23.82
N ALA A 192 18.40 -5.56 -24.38
CA ALA A 192 18.94 -4.59 -25.32
C ALA A 192 20.22 -3.94 -24.82
N ILE A 193 20.19 -3.35 -23.61
CA ILE A 193 21.33 -2.68 -22.99
C ILE A 193 22.52 -3.65 -22.79
N THR A 194 22.30 -4.83 -22.17
CA THR A 194 23.34 -5.84 -21.88
C THR A 194 23.97 -6.52 -23.10
N ARG A 195 23.23 -6.60 -24.24
CA ARG A 195 23.72 -7.20 -25.49
C ARG A 195 24.45 -6.17 -26.37
N SER A 196 24.18 -4.86 -26.14
CA SER A 196 24.80 -3.73 -26.82
C SER A 196 26.14 -3.34 -26.17
N LYS A 197 26.30 -3.64 -24.86
CA LYS A 197 27.52 -3.38 -24.09
C LYS A 197 28.66 -4.31 -24.52
N GLU A 198 28.32 -5.45 -25.19
CA GLU A 198 29.25 -6.47 -25.72
C GLU A 198 30.07 -5.89 -26.87
N SER B 4 -3.39 -6.03 35.46
CA SER B 4 -2.48 -6.95 34.75
C SER B 4 -2.19 -6.51 33.27
N MET B 5 -1.39 -7.36 32.55
CA MET B 5 -0.97 -7.18 31.17
C MET B 5 -1.83 -7.99 30.21
N ILE B 6 -2.17 -7.37 29.08
CA ILE B 6 -2.89 -8.02 28.01
C ILE B 6 -1.79 -8.57 27.10
N SER B 7 -1.74 -9.92 26.96
CA SER B 7 -0.79 -10.58 26.08
C SER B 7 -1.36 -10.66 24.68
N ILE B 8 -0.58 -10.22 23.68
CA ILE B 8 -1.05 -10.14 22.30
C ILE B 8 -0.17 -10.92 21.34
N PHE B 9 -0.80 -11.60 20.36
CA PHE B 9 -0.12 -12.25 19.24
C PHE B 9 -0.58 -11.52 18.00
N ILE B 10 0.33 -11.21 17.08
CA ILE B 10 -0.01 -10.50 15.84
C ILE B 10 0.31 -11.40 14.66
N ALA B 11 -0.71 -11.69 13.81
CA ALA B 11 -0.57 -12.48 12.56
C ALA B 11 -0.80 -11.51 11.42
N GLU B 12 0.30 -11.19 10.68
CA GLU B 12 0.33 -10.21 9.59
C GLU B 12 1.43 -10.59 8.59
N ASP B 13 1.06 -10.83 7.32
CA ASP B 13 2.02 -11.27 6.32
C ASP B 13 2.97 -10.17 5.83
N GLN B 14 2.59 -8.90 6.00
CA GLN B 14 3.44 -7.78 5.58
C GLN B 14 4.38 -7.49 6.75
N GLN B 15 5.63 -7.94 6.63
CA GLN B 15 6.66 -7.83 7.67
C GLN B 15 6.88 -6.43 8.24
N MET B 16 6.75 -5.40 7.40
CA MET B 16 6.88 -4.01 7.81
C MET B 16 5.77 -3.65 8.79
N LEU B 17 4.49 -3.93 8.44
CA LEU B 17 3.39 -3.62 9.35
C LEU B 17 3.44 -4.45 10.62
N LEU B 18 3.70 -5.77 10.50
CA LEU B 18 3.85 -6.69 11.63
C LEU B 18 4.81 -6.10 12.68
N GLY B 19 6.02 -5.71 12.24
CA GLY B 19 7.04 -5.18 13.13
C GLY B 19 6.72 -3.84 13.73
N ALA B 20 6.14 -2.94 12.93
CA ALA B 20 5.75 -1.61 13.37
C ALA B 20 4.52 -1.65 14.33
N LEU B 21 3.56 -2.55 14.09
CA LEU B 21 2.40 -2.74 14.97
C LEU B 21 2.85 -3.30 16.32
N GLY B 22 3.77 -4.29 16.28
CA GLY B 22 4.36 -4.91 17.46
C GLY B 22 4.99 -3.86 18.35
N SER B 23 5.80 -2.96 17.75
CA SER B 23 6.51 -1.87 18.47
C SER B 23 5.56 -0.82 19.08
N LEU B 24 4.50 -0.46 18.35
CA LEU B 24 3.42 0.46 18.73
C LEU B 24 2.63 -0.08 19.94
N LEU B 25 2.20 -1.36 19.89
CA LEU B 25 1.42 -2.01 20.95
C LEU B 25 2.20 -2.22 22.19
N ASN B 26 3.48 -2.59 22.05
CA ASN B 26 4.41 -2.82 23.16
C ASN B 26 4.67 -1.55 23.96
N LEU B 27 4.53 -0.36 23.35
CA LEU B 27 4.70 0.92 24.07
C LEU B 27 3.61 1.15 25.15
N GLU B 28 2.43 0.51 25.02
CA GLU B 28 1.34 0.56 25.99
C GLU B 28 1.77 -0.15 27.30
N ASP B 29 1.49 0.47 28.43
CA ASP B 29 1.87 -0.03 29.75
C ASP B 29 1.18 -1.30 30.17
N ASP B 30 -0.06 -1.49 29.72
CA ASP B 30 -0.89 -2.64 30.07
C ASP B 30 -0.88 -3.72 28.98
N MET B 31 0.02 -3.59 27.99
CA MET B 31 0.07 -4.50 26.85
C MET B 31 1.45 -5.02 26.53
N GLU B 32 1.49 -6.28 26.08
CA GLU B 32 2.71 -6.97 25.71
C GLU B 32 2.50 -7.84 24.48
N VAL B 33 3.31 -7.61 23.45
CA VAL B 33 3.28 -8.43 22.24
C VAL B 33 4.22 -9.60 22.52
N VAL B 34 3.62 -10.74 22.83
CA VAL B 34 4.24 -12.00 23.20
C VAL B 34 4.69 -12.85 22.01
N GLY B 35 4.18 -12.56 20.83
CA GLY B 35 4.54 -13.31 19.63
C GLY B 35 4.07 -12.65 18.36
N LYS B 36 4.72 -12.97 17.25
CA LYS B 36 4.42 -12.44 15.91
C LYS B 36 4.52 -13.56 14.88
N GLY B 37 3.61 -13.56 13.90
CA GLY B 37 3.58 -14.56 12.83
C GLY B 37 3.19 -13.94 11.51
N THR B 38 3.35 -14.69 10.41
CA THR B 38 3.07 -14.20 9.04
C THR B 38 2.02 -14.99 8.27
N THR B 39 1.50 -16.06 8.86
CA THR B 39 0.49 -16.92 8.25
C THR B 39 -0.56 -17.26 9.30
N GLY B 40 -1.66 -17.82 8.84
CA GLY B 40 -2.72 -18.29 9.70
C GLY B 40 -2.27 -19.48 10.53
N GLN B 41 -1.34 -20.29 9.99
CA GLN B 41 -0.82 -21.46 10.71
C GLN B 41 0.00 -21.03 11.94
N ASP B 42 0.78 -19.95 11.81
CA ASP B 42 1.55 -19.36 12.93
C ASP B 42 0.59 -18.94 14.07
N ALA B 43 -0.59 -18.40 13.73
CA ALA B 43 -1.62 -18.00 14.70
C ALA B 43 -2.21 -19.23 15.38
N VAL B 44 -2.60 -20.26 14.59
CA VAL B 44 -3.15 -21.49 15.13
C VAL B 44 -2.15 -22.15 16.09
N ASP B 45 -0.89 -22.31 15.66
CA ASP B 45 0.16 -22.92 16.48
C ASP B 45 0.44 -22.11 17.74
N PHE B 46 0.65 -20.79 17.63
CA PHE B 46 0.95 -19.97 18.83
C PHE B 46 -0.19 -20.00 19.84
N VAL B 47 -1.40 -19.68 19.38
CA VAL B 47 -2.60 -19.59 20.19
C VAL B 47 -2.91 -20.87 20.90
N LYS B 48 -2.74 -22.03 20.24
CA LYS B 48 -2.99 -23.33 20.84
C LYS B 48 -1.93 -23.67 21.92
N LYS B 49 -0.66 -23.26 21.69
CA LYS B 49 0.47 -23.54 22.58
C LYS B 49 0.60 -22.58 23.78
N ARG B 50 0.40 -21.28 23.54
CA ARG B 50 0.65 -20.23 24.52
C ARG B 50 -0.58 -19.57 25.11
N GLN B 51 -1.71 -19.71 24.43
CA GLN B 51 -3.00 -19.14 24.80
C GLN B 51 -2.92 -17.64 25.19
N PRO B 52 -2.51 -16.73 24.27
CA PRO B 52 -2.47 -15.28 24.64
C PRO B 52 -3.89 -14.79 24.86
N ASP B 53 -4.06 -13.62 25.49
CA ASP B 53 -5.38 -13.03 25.69
C ASP B 53 -6.02 -12.62 24.37
N VAL B 54 -5.21 -11.97 23.52
CA VAL B 54 -5.67 -11.36 22.26
C VAL B 54 -4.83 -11.78 21.08
N CYS B 55 -5.50 -12.00 19.93
CA CYS B 55 -4.83 -12.28 18.66
C CYS B 55 -5.28 -11.25 17.63
N ILE B 56 -4.36 -10.39 17.17
CA ILE B 56 -4.61 -9.41 16.12
C ILE B 56 -4.33 -10.19 14.85
N MET B 57 -5.37 -10.37 14.07
CA MET B 57 -5.32 -11.25 12.94
C MET B 57 -5.60 -10.62 11.59
N ASP B 58 -4.62 -10.68 10.69
CA ASP B 58 -4.80 -10.26 9.30
C ASP B 58 -5.70 -11.31 8.60
N ILE B 59 -6.40 -10.96 7.51
CA ILE B 59 -7.16 -11.96 6.75
C ILE B 59 -6.26 -12.60 5.71
N GLU B 60 -5.87 -11.83 4.70
CA GLU B 60 -5.05 -12.33 3.60
C GLU B 60 -3.58 -12.55 3.96
N MET B 61 -3.22 -13.82 4.07
CA MET B 61 -1.90 -14.30 4.41
C MET B 61 -1.68 -15.58 3.65
N PRO B 62 -0.43 -15.94 3.27
CA PRO B 62 -0.23 -17.21 2.56
C PRO B 62 -0.38 -18.45 3.44
N GLY B 63 -0.69 -19.58 2.80
CA GLY B 63 -0.87 -20.87 3.48
C GLY B 63 -2.25 -21.08 4.08
N LYS B 64 -2.61 -20.21 5.02
CA LYS B 64 -3.88 -20.26 5.74
C LYS B 64 -4.25 -18.83 6.08
N THR B 65 -5.48 -18.42 5.73
CA THR B 65 -5.98 -17.06 5.99
C THR B 65 -6.24 -16.87 7.49
N GLY B 66 -6.51 -15.63 7.87
CA GLY B 66 -6.87 -15.30 9.24
C GLY B 66 -8.26 -15.80 9.56
N LEU B 67 -9.11 -15.97 8.52
CA LEU B 67 -10.47 -16.48 8.69
C LEU B 67 -10.49 -17.98 8.94
N GLU B 68 -9.64 -18.76 8.21
CA GLU B 68 -9.51 -20.21 8.43
C GLU B 68 -8.89 -20.43 9.80
N ALA B 69 -7.88 -19.63 10.16
CA ALA B 69 -7.22 -19.62 11.46
C ALA B 69 -8.24 -19.36 12.59
N ALA B 70 -9.10 -18.32 12.44
CA ALA B 70 -10.16 -17.97 13.39
C ALA B 70 -11.17 -19.11 13.54
N GLU B 71 -11.48 -19.84 12.46
CA GLU B 71 -12.38 -21.01 12.47
C GLU B 71 -11.77 -22.19 13.27
N GLU B 72 -10.46 -22.46 13.11
CA GLU B 72 -9.77 -23.50 13.87
C GLU B 72 -9.64 -23.17 15.35
N LEU B 73 -9.60 -21.87 15.68
CA LEU B 73 -9.46 -21.34 17.03
C LEU B 73 -10.78 -21.04 17.74
N LYS B 74 -11.92 -21.26 17.06
CA LYS B 74 -13.30 -21.00 17.51
C LYS B 74 -13.65 -21.43 18.97
N ASP B 75 -13.05 -22.53 19.45
CA ASP B 75 -13.29 -23.02 20.79
C ASP B 75 -12.11 -22.90 21.79
N THR B 76 -11.19 -21.93 21.55
CA THR B 76 -10.11 -21.56 22.47
C THR B 76 -10.62 -20.25 23.15
N GLY B 77 -10.03 -19.85 24.27
CA GLY B 77 -10.47 -18.65 24.98
C GLY B 77 -9.86 -17.36 24.47
N CYS B 78 -9.19 -17.43 23.32
CA CYS B 78 -8.51 -16.28 22.74
C CYS B 78 -9.49 -15.33 22.08
N LYS B 79 -9.28 -14.03 22.34
CA LYS B 79 -10.09 -12.98 21.76
C LYS B 79 -9.48 -12.59 20.41
N ILE B 80 -10.17 -12.94 19.32
CA ILE B 80 -9.68 -12.64 17.96
C ILE B 80 -10.20 -11.32 17.43
N ILE B 81 -9.25 -10.44 17.05
CA ILE B 81 -9.55 -9.15 16.45
C ILE B 81 -8.98 -9.19 15.03
N ILE B 82 -9.86 -9.13 14.03
CA ILE B 82 -9.42 -9.07 12.63
C ILE B 82 -8.94 -7.64 12.37
N LEU B 83 -7.74 -7.46 11.78
CA LEU B 83 -7.20 -6.15 11.36
C LEU B 83 -6.83 -6.34 9.90
N THR B 84 -7.63 -5.76 9.00
CA THR B 84 -7.49 -6.05 7.57
C THR B 84 -7.62 -4.80 6.69
N THR B 85 -7.17 -4.90 5.44
CA THR B 85 -7.32 -3.86 4.43
C THR B 85 -8.80 -3.90 3.91
N PHE B 86 -9.40 -5.12 3.88
CA PHE B 86 -10.67 -5.49 3.27
C PHE B 86 -11.95 -5.34 4.06
N ALA B 87 -12.81 -4.45 3.57
CA ALA B 87 -14.13 -4.15 4.07
C ALA B 87 -15.10 -4.86 3.15
N ARG B 88 -15.02 -6.19 3.11
CA ARG B 88 -15.87 -7.02 2.26
C ARG B 88 -16.93 -7.65 3.14
N PRO B 89 -18.23 -7.61 2.76
CA PRO B 89 -19.27 -8.23 3.60
C PRO B 89 -19.07 -9.73 3.82
N GLY B 90 -18.54 -10.43 2.80
CA GLY B 90 -18.27 -11.87 2.84
C GLY B 90 -17.26 -12.21 3.92
N TYR B 91 -16.17 -11.43 3.98
CA TYR B 91 -15.12 -11.54 5.00
C TYR B 91 -15.73 -11.28 6.41
N PHE B 92 -16.49 -10.17 6.56
CA PHE B 92 -17.13 -9.79 7.81
C PHE B 92 -18.03 -10.87 8.38
N GLN B 93 -18.89 -11.46 7.54
CA GLN B 93 -19.84 -12.50 7.96
C GLN B 93 -19.13 -13.78 8.29
N ARG B 94 -18.04 -14.09 7.57
CA ARG B 94 -17.29 -15.30 7.84
C ARG B 94 -16.61 -15.18 9.20
N ALA B 95 -16.06 -14.01 9.51
CA ALA B 95 -15.38 -13.70 10.78
C ALA B 95 -16.31 -13.83 12.00
N ILE B 96 -17.48 -13.19 11.95
CA ILE B 96 -18.41 -13.16 13.06
C ILE B 96 -19.00 -14.54 13.31
N LYS B 97 -19.16 -15.35 12.22
CA LYS B 97 -19.63 -16.74 12.32
C LYS B 97 -18.58 -17.59 13.05
N ALA B 98 -17.27 -17.22 12.89
CA ALA B 98 -16.11 -17.84 13.54
C ALA B 98 -15.95 -17.35 14.99
N GLY B 99 -16.74 -16.34 15.39
CA GLY B 99 -16.75 -15.78 16.74
C GLY B 99 -15.67 -14.75 17.07
N VAL B 100 -15.12 -14.06 16.04
CA VAL B 100 -14.15 -13.00 16.27
C VAL B 100 -14.82 -11.86 17.04
N LYS B 101 -14.08 -11.21 17.95
CA LYS B 101 -14.63 -10.16 18.80
C LYS B 101 -14.50 -8.76 18.22
N GLY B 102 -13.67 -8.64 17.21
CA GLY B 102 -13.44 -7.37 16.57
C GLY B 102 -13.12 -7.50 15.11
N TYR B 103 -13.54 -6.50 14.32
CA TYR B 103 -13.24 -6.46 12.90
C TYR B 103 -12.89 -5.04 12.65
N LEU B 104 -11.57 -4.79 12.51
CA LEU B 104 -10.99 -3.47 12.30
C LEU B 104 -10.38 -3.32 10.94
N LEU B 105 -10.33 -2.07 10.47
CA LEU B 105 -9.76 -1.72 9.17
C LEU B 105 -8.41 -1.02 9.35
N LYS B 106 -7.45 -1.36 8.50
CA LYS B 106 -6.09 -0.80 8.52
C LYS B 106 -6.09 0.70 8.14
N ASP B 107 -7.18 1.17 7.54
CA ASP B 107 -7.28 2.58 7.20
C ASP B 107 -8.03 3.33 8.28
N SER B 108 -7.64 3.12 9.52
CA SER B 108 -8.19 3.77 10.71
C SER B 108 -6.99 4.27 11.55
N PRO B 109 -7.14 5.30 12.41
CA PRO B 109 -5.98 5.78 13.20
C PRO B 109 -5.35 4.71 14.05
N SER B 110 -4.03 4.60 14.00
CA SER B 110 -3.23 3.65 14.74
C SER B 110 -3.49 3.76 16.26
N GLU B 111 -3.76 5.01 16.71
N GLU B 111 -3.86 4.97 16.74
CA GLU B 111 -4.03 5.50 18.06
CA GLU B 111 -4.15 5.31 18.15
C GLU B 111 -5.35 4.98 18.65
C GLU B 111 -5.28 4.45 18.74
N GLU B 112 -6.15 4.25 17.84
N GLU B 112 -6.40 4.31 18.01
CA GLU B 112 -7.45 3.70 18.24
CA GLU B 112 -7.60 3.57 18.43
C GLU B 112 -7.48 2.15 18.22
C GLU B 112 -7.40 2.07 18.60
N LEU B 113 -6.30 1.51 18.05
CA LEU B 113 -6.08 0.05 18.11
C LEU B 113 -6.00 -0.43 19.56
N ALA B 114 -5.18 0.25 20.39
CA ALA B 114 -5.01 -0.06 21.79
C ALA B 114 -6.35 -0.04 22.51
N ASN B 115 -7.18 0.94 22.18
CA ASN B 115 -8.51 1.12 22.76
C ASN B 115 -9.49 0.03 22.35
N ALA B 116 -9.38 -0.48 21.11
CA ALA B 116 -10.21 -1.58 20.62
C ALA B 116 -9.82 -2.88 21.34
N ILE B 117 -8.51 -3.08 21.62
CA ILE B 117 -8.01 -4.25 22.36
C ILE B 117 -8.57 -4.25 23.78
N ARG B 118 -8.59 -3.07 24.44
CA ARG B 118 -9.10 -2.93 25.81
C ARG B 118 -10.59 -3.20 25.87
N SER B 119 -11.34 -2.72 24.87
CA SER B 119 -12.80 -2.92 24.82
C SER B 119 -13.17 -4.41 24.64
N VAL B 120 -12.45 -5.11 23.76
CA VAL B 120 -12.60 -6.53 23.47
C VAL B 120 -12.25 -7.33 24.74
N MET B 121 -11.19 -6.90 25.48
CA MET B 121 -10.86 -7.54 26.77
C MET B 121 -11.97 -7.30 27.82
N ASN B 122 -12.75 -6.21 27.67
CA ASN B 122 -13.87 -5.88 28.54
C ASN B 122 -15.19 -6.56 28.11
N GLY B 123 -15.13 -7.43 27.09
CA GLY B 123 -16.24 -8.23 26.60
C GLY B 123 -17.08 -7.65 25.49
N LYS B 124 -16.63 -6.50 24.92
CA LYS B 124 -17.34 -5.80 23.85
C LYS B 124 -17.03 -6.40 22.46
N ARG B 125 -17.96 -6.21 21.46
CA ARG B 125 -17.74 -6.61 20.06
C ARG B 125 -17.49 -5.32 19.33
N ILE B 126 -16.26 -5.16 18.82
CA ILE B 126 -15.84 -3.93 18.16
C ILE B 126 -15.75 -4.08 16.65
N TYR B 127 -16.69 -3.46 15.94
CA TYR B 127 -16.71 -3.47 14.48
C TYR B 127 -16.51 -2.07 13.99
N ALA B 128 -15.63 -1.90 12.99
CA ALA B 128 -15.32 -0.60 12.44
C ALA B 128 -16.58 0.11 11.95
N PRO B 129 -16.93 1.29 12.56
CA PRO B 129 -18.11 2.05 12.08
C PRO B 129 -18.04 2.40 10.60
N GLU B 130 -16.83 2.53 10.09
CA GLU B 130 -16.51 2.87 8.70
C GLU B 130 -17.12 1.90 7.72
N LEU B 131 -17.22 0.61 8.10
CA LEU B 131 -17.84 -0.45 7.28
C LEU B 131 -19.18 0.01 6.71
N MET B 132 -19.99 0.66 7.56
CA MET B 132 -21.30 1.15 7.12
C MET B 132 -21.27 2.57 6.60
N GLU B 133 -20.46 3.42 7.23
CA GLU B 133 -20.33 4.83 6.85
C GLU B 133 -19.75 5.09 5.45
N ASP B 134 -18.74 4.30 5.03
CA ASP B 134 -18.08 4.45 3.73
C ASP B 134 -19.02 4.23 2.51
N LEU B 135 -20.23 3.69 2.75
CA LEU B 135 -21.21 3.44 1.68
C LEU B 135 -21.90 4.74 1.30
N TYR B 136 -21.98 5.67 2.25
CA TYR B 136 -22.64 6.97 2.11
C TYR B 136 -21.61 8.08 2.05
N SER B 137 -20.33 7.68 1.91
CA SER B 137 -19.19 8.58 1.75
C SER B 137 -19.29 9.15 0.32
N GLU B 138 -20.37 9.93 0.07
CA GLU B 138 -20.68 10.57 -1.21
C GLU B 138 -19.74 11.76 -1.37
N ALA B 139 -18.52 11.48 -1.89
CA ALA B 139 -17.46 12.47 -2.07
C ALA B 139 -17.02 12.65 -3.53
N ASN B 140 -16.39 13.81 -3.79
CA ASN B 140 -15.88 14.19 -5.09
C ASN B 140 -14.67 13.31 -5.45
N PRO B 141 -14.74 12.54 -6.56
CA PRO B 141 -13.61 11.67 -6.92
C PRO B 141 -12.49 12.39 -7.68
N LEU B 142 -12.80 13.57 -8.25
CA LEU B 142 -11.87 14.37 -9.04
C LEU B 142 -10.74 14.95 -8.20
N THR B 143 -9.51 14.86 -8.74
CA THR B 143 -8.31 15.40 -8.12
C THR B 143 -8.25 16.92 -8.34
N ASP B 144 -7.35 17.64 -7.62
CA ASP B 144 -7.14 19.09 -7.76
C ASP B 144 -6.70 19.42 -9.19
N ARG B 145 -5.90 18.50 -9.80
CA ARG B 145 -5.41 18.59 -11.18
C ARG B 145 -6.58 18.41 -12.17
N GLU B 146 -7.47 17.43 -11.91
CA GLU B 146 -8.67 17.12 -12.71
C GLU B 146 -9.70 18.26 -12.62
N LYS B 147 -9.80 18.93 -11.44
CA LYS B 147 -10.69 20.07 -11.18
C LYS B 147 -10.25 21.31 -12.00
N GLU B 148 -8.93 21.42 -12.27
CA GLU B 148 -8.31 22.49 -13.06
C GLU B 148 -8.57 22.29 -14.56
N VAL B 149 -8.53 21.01 -15.03
CA VAL B 149 -8.79 20.62 -16.42
C VAL B 149 -10.27 20.94 -16.75
N LEU B 150 -11.20 20.40 -15.92
CA LEU B 150 -12.65 20.57 -16.06
C LEU B 150 -13.12 22.03 -15.98
N GLU B 151 -12.42 22.87 -15.18
CA GLU B 151 -12.71 24.30 -15.03
C GLU B 151 -12.58 25.00 -16.38
N LEU B 152 -11.54 24.65 -17.15
CA LEU B 152 -11.26 25.19 -18.47
C LEU B 152 -12.25 24.69 -19.52
N VAL B 153 -12.63 23.39 -19.45
CA VAL B 153 -13.58 22.73 -20.35
C VAL B 153 -14.95 23.42 -20.22
N ALA B 154 -15.39 23.67 -18.97
CA ALA B 154 -16.67 24.33 -18.63
C ALA B 154 -16.72 25.79 -19.06
N ASP B 155 -15.55 26.47 -19.19
CA ASP B 155 -15.45 27.86 -19.65
C ASP B 155 -15.70 27.97 -21.15
N GLY B 156 -15.42 26.90 -21.89
CA GLY B 156 -15.59 26.81 -23.33
C GLY B 156 -14.29 26.72 -24.12
N LYS B 157 -13.20 26.27 -23.45
CA LYS B 157 -11.88 26.13 -24.06
C LYS B 157 -11.70 24.74 -24.69
N ASN B 158 -11.04 24.66 -25.87
CA ASN B 158 -10.76 23.41 -26.59
C ASN B 158 -9.46 22.74 -26.07
N THR B 159 -9.17 21.50 -26.51
CA THR B 159 -8.00 20.69 -26.12
C THR B 159 -6.65 21.42 -26.29
N LYS B 160 -6.49 22.21 -27.37
CA LYS B 160 -5.27 22.98 -27.66
C LYS B 160 -5.11 24.14 -26.66
N GLU B 161 -6.23 24.82 -26.32
CA GLU B 161 -6.29 25.96 -25.38
C GLU B 161 -6.00 25.54 -23.92
N ILE B 162 -6.47 24.34 -23.50
CA ILE B 162 -6.27 23.76 -22.16
C ILE B 162 -4.80 23.34 -21.95
N ALA B 163 -4.18 22.74 -22.98
CA ALA B 163 -2.78 22.29 -22.98
C ALA B 163 -1.81 23.48 -22.84
N GLN B 164 -2.21 24.66 -23.36
CA GLN B 164 -1.43 25.91 -23.31
C GLN B 164 -1.60 26.60 -21.96
N GLU B 165 -2.84 26.63 -21.42
CA GLU B 165 -3.17 27.26 -20.13
C GLU B 165 -2.59 26.50 -18.92
N LEU B 166 -2.39 25.17 -19.06
CA LEU B 166 -1.85 24.30 -18.01
C LEU B 166 -0.38 23.88 -18.23
N SER B 167 0.20 24.23 -19.39
CA SER B 167 1.57 23.92 -19.80
C SER B 167 1.91 22.40 -19.76
N ILE B 168 1.00 21.59 -20.33
CA ILE B 168 1.11 20.13 -20.43
C ILE B 168 0.82 19.67 -21.87
N LYS B 169 1.14 18.39 -22.20
CA LYS B 169 0.92 17.81 -23.54
C LYS B 169 -0.58 17.69 -23.88
N SER B 170 -0.90 17.66 -25.20
CA SER B 170 -2.27 17.54 -25.72
C SER B 170 -2.92 16.17 -25.42
N GLY B 171 -2.10 15.12 -25.38
CA GLY B 171 -2.53 13.77 -25.07
C GLY B 171 -2.82 13.57 -23.59
N THR B 172 -2.16 14.40 -22.72
CA THR B 172 -2.32 14.42 -21.26
C THR B 172 -3.71 15.00 -20.92
N VAL B 173 -4.13 16.07 -21.63
CA VAL B 173 -5.42 16.74 -21.48
C VAL B 173 -6.53 15.71 -21.80
N ARG B 174 -6.36 14.95 -22.92
CA ARG B 174 -7.26 13.89 -23.37
C ARG B 174 -7.31 12.73 -22.36
N ASN B 175 -6.14 12.41 -21.74
CA ASN B 175 -6.01 11.36 -20.71
C ASN B 175 -6.73 11.77 -19.43
N TYR B 176 -6.61 13.07 -19.04
CA TYR B 176 -7.27 13.65 -17.86
C TYR B 176 -8.79 13.62 -18.05
N ILE B 177 -9.28 13.98 -19.28
CA ILE B 177 -10.70 13.98 -19.66
C ILE B 177 -11.27 12.55 -19.58
N SER B 178 -10.59 11.57 -20.20
CA SER B 178 -11.01 10.17 -20.20
C SER B 178 -11.12 9.59 -18.77
N MET B 179 -10.24 10.08 -17.86
CA MET B 179 -10.26 9.71 -16.45
C MET B 179 -11.48 10.36 -15.77
N ILE B 180 -11.68 11.71 -16.00
CA ILE B 180 -12.80 12.52 -15.45
C ILE B 180 -14.16 11.88 -15.81
N LEU B 181 -14.33 11.45 -17.08
CA LEU B 181 -15.55 10.81 -17.58
C LEU B 181 -15.83 9.51 -16.84
N GLU B 182 -14.80 8.66 -16.66
CA GLU B 182 -14.85 7.37 -15.96
C GLU B 182 -15.27 7.53 -14.50
N LYS B 183 -14.61 8.44 -13.77
CA LYS B 183 -14.88 8.72 -12.35
C LYS B 183 -16.28 9.28 -12.14
N LEU B 184 -16.71 10.21 -13.01
CA LEU B 184 -18.04 10.81 -12.91
C LEU B 184 -19.13 9.86 -13.37
N GLU B 185 -18.84 8.96 -14.35
CA GLU B 185 -19.81 7.96 -14.85
C GLU B 185 -20.15 6.92 -13.78
N VAL B 186 -19.14 6.54 -12.98
CA VAL B 186 -19.31 5.58 -11.89
C VAL B 186 -20.03 6.28 -10.71
N LYS B 187 -19.65 7.54 -10.39
CA LYS B 187 -20.29 8.33 -9.33
C LYS B 187 -21.76 8.62 -9.70
N ASN B 188 -22.04 8.84 -10.99
CA ASN B 188 -23.39 9.10 -11.51
C ASN B 188 -24.26 7.84 -11.46
N ARG B 189 -23.70 6.67 -11.85
CA ARG B 189 -24.41 5.38 -11.80
C ARG B 189 -24.73 5.00 -10.34
N ILE B 190 -23.74 5.20 -9.41
CA ILE B 190 -23.89 4.94 -7.96
C ILE B 190 -25.04 5.80 -7.39
N GLU B 191 -25.16 7.05 -7.90
CA GLU B 191 -26.21 8.03 -7.60
C GLU B 191 -27.53 7.53 -8.19
MG MG C . -0.73 2.81 -0.51
BE BEF D . 1.96 1.65 -1.48
F1 BEF D . 2.55 1.63 -3.07
F2 BEF D . 2.35 0.16 -0.81
F3 BEF D . 0.29 1.65 -1.58
C1 GOL E . -0.57 -1.83 2.16
O1 GOL E . 0.33 -0.99 2.88
C2 GOL E . -1.45 -1.04 1.20
O2 GOL E . -2.81 -1.04 1.64
C3 GOL E . -1.37 -1.62 -0.20
O3 GOL E . -0.22 -1.15 -0.89
C1 GOL F . 6.85 7.90 21.71
O1 GOL F . 6.49 6.94 22.71
C2 GOL F . 6.75 7.32 20.32
O2 GOL F . 5.38 7.03 19.99
C3 GOL F . 7.42 8.12 19.22
O3 GOL F . 6.73 9.33 18.86
NA NA G . 13.92 10.84 17.82
MG MG H . -2.23 -9.66 4.36
BE BEF I . -4.85 -8.43 5.51
F1 BEF I . -6.42 -8.97 5.26
F2 BEF I . -4.95 -6.76 5.28
F3 BEF I . -4.00 -9.07 4.21
NA NA J . 4.06 -2.85 27.30
#